data_1YTR
#
_entry.id   1YTR
#
_entity_poly.entity_id   1
_entity_poly.type   'polypeptide(L)'
_entity_poly.pdbx_seq_one_letter_code
;KSSAYSLQMGATAIKQVKKLFKKWGW
;
_entity_poly.pdbx_strand_id   A
#
# COMPACT_ATOMS: atom_id res chain seq x y z
N LYS A 1 6.24 2.71 6.56
CA LYS A 1 7.36 2.94 7.44
C LYS A 1 6.86 3.59 8.74
N SER A 2 6.11 2.81 9.51
CA SER A 2 5.57 3.30 10.76
C SER A 2 5.62 2.19 11.81
N SER A 3 4.96 1.09 11.49
CA SER A 3 4.93 -0.05 12.41
C SER A 3 4.21 -1.23 11.75
N ALA A 4 4.50 -2.42 12.24
CA ALA A 4 3.89 -3.62 11.70
C ALA A 4 4.29 -3.79 10.24
N TYR A 5 4.90 -4.92 9.94
CA TYR A 5 5.34 -5.21 8.59
C TYR A 5 4.86 -6.60 8.14
N SER A 6 3.55 -6.76 8.17
CA SER A 6 2.95 -8.02 7.77
C SER A 6 2.95 -8.16 6.25
N LEU A 7 3.14 -9.38 5.79
CA LEU A 7 3.17 -9.65 4.36
C LEU A 7 1.79 -9.37 3.77
N GLN A 8 0.81 -10.12 4.26
CA GLN A 8 -0.56 -9.97 3.78
C GLN A 8 -0.69 -10.54 2.37
N MET A 9 -1.79 -10.17 1.72
CA MET A 9 -2.05 -10.64 0.37
C MET A 9 -3.31 -9.98 -0.21
N GLY A 10 -4.32 -9.87 0.66
CA GLY A 10 -5.58 -9.26 0.25
C GLY A 10 -6.11 -8.33 1.34
N ALA A 11 -5.30 -7.36 1.69
CA ALA A 11 -5.68 -6.39 2.72
C ALA A 11 -4.69 -5.22 2.70
N THR A 12 -3.74 -5.28 3.63
CA THR A 12 -2.74 -4.23 3.72
C THR A 12 -2.29 -3.78 2.34
N ALA A 13 -2.02 -4.77 1.49
CA ALA A 13 -1.59 -4.50 0.13
C ALA A 13 -2.43 -3.37 -0.46
N ILE A 14 -3.73 -3.47 -0.23
CA ILE A 14 -4.65 -2.47 -0.72
C ILE A 14 -4.06 -1.07 -0.50
N LYS A 15 -3.65 -0.83 0.74
CA LYS A 15 -3.07 0.44 1.09
C LYS A 15 -1.92 0.77 0.13
N GLN A 16 -1.14 -0.26 -0.18
CA GLN A 16 -0.02 -0.10 -1.09
C GLN A 16 -0.48 0.52 -2.40
N VAL A 17 -1.67 0.12 -2.83
CA VAL A 17 -2.24 0.62 -4.06
C VAL A 17 -2.21 2.15 -4.05
N LYS A 18 -2.51 2.71 -2.88
CA LYS A 18 -2.52 4.15 -2.71
C LYS A 18 -1.11 4.70 -2.95
N LYS A 19 -0.13 3.92 -2.51
CA LYS A 19 1.26 4.31 -2.67
C LYS A 19 1.60 4.37 -4.17
N LEU A 20 0.81 3.66 -4.95
CA LEU A 20 1.02 3.62 -6.39
C LEU A 20 0.21 4.74 -7.05
N PHE A 21 -0.76 5.24 -6.29
CA PHE A 21 -1.61 6.31 -6.79
C PHE A 21 -0.91 7.67 -6.65
N LYS A 22 0.11 7.69 -5.81
CA LYS A 22 0.86 8.92 -5.59
C LYS A 22 1.20 9.55 -6.94
N LYS A 23 1.27 8.70 -7.95
CA LYS A 23 1.59 9.16 -9.30
C LYS A 23 0.29 9.36 -10.08
N TRP A 24 -0.68 8.53 -9.77
CA TRP A 24 -1.98 8.60 -10.44
C TRP A 24 -2.63 9.93 -10.06
N GLY A 25 -2.87 10.75 -11.08
CA GLY A 25 -3.50 12.04 -10.86
C GLY A 25 -4.08 12.59 -12.16
N TRP A 26 -5.40 12.49 -12.27
CA TRP A 26 -6.09 12.97 -13.46
C TRP A 26 -5.52 14.34 -13.82
N LYS A 1 12.05 6.11 5.85
CA LYS A 1 11.91 5.77 4.45
C LYS A 1 11.90 4.25 4.29
N SER A 2 10.72 3.73 3.96
CA SER A 2 10.57 2.30 3.77
C SER A 2 9.24 2.00 3.09
N SER A 3 9.15 0.81 2.53
CA SER A 3 7.94 0.39 1.83
C SER A 3 7.43 -0.93 2.42
N ALA A 4 6.74 -0.80 3.55
CA ALA A 4 6.19 -1.97 4.23
C ALA A 4 5.46 -1.53 5.49
N TYR A 5 4.30 -2.12 5.71
CA TYR A 5 3.49 -1.79 6.87
C TYR A 5 2.50 -2.91 7.18
N SER A 6 3.03 -4.11 7.36
CA SER A 6 2.20 -5.26 7.66
C SER A 6 1.73 -5.92 6.37
N LEU A 7 1.37 -5.07 5.41
CA LEU A 7 0.91 -5.55 4.12
C LEU A 7 1.93 -6.53 3.54
N GLN A 8 1.58 -7.81 3.60
CA GLN A 8 2.47 -8.85 3.10
C GLN A 8 1.73 -10.19 3.08
N MET A 9 0.98 -10.43 4.15
CA MET A 9 0.23 -11.67 4.27
C MET A 9 -1.26 -11.43 4.06
N GLY A 10 -1.67 -10.20 4.31
CA GLY A 10 -3.07 -9.83 4.16
C GLY A 10 -3.51 -9.96 2.70
N ALA A 11 -4.31 -9.01 2.27
CA ALA A 11 -4.82 -9.01 0.91
C ALA A 11 -5.40 -7.63 0.57
N THR A 12 -6.44 -7.26 1.31
CA THR A 12 -7.08 -5.98 1.11
C THR A 12 -6.07 -4.85 1.22
N ALA A 13 -5.25 -4.93 2.26
CA ALA A 13 -4.23 -3.92 2.49
C ALA A 13 -3.59 -3.52 1.16
N ILE A 14 -3.15 -4.54 0.44
CA ILE A 14 -2.52 -4.32 -0.86
C ILE A 14 -3.32 -3.28 -1.64
N LYS A 15 -4.63 -3.51 -1.71
CA LYS A 15 -5.52 -2.61 -2.41
C LYS A 15 -5.34 -1.19 -1.88
N GLN A 16 -5.19 -1.11 -0.57
CA GLN A 16 -5.01 0.18 0.08
C GLN A 16 -3.83 0.93 -0.54
N VAL A 17 -2.82 0.16 -0.91
CA VAL A 17 -1.62 0.73 -1.51
C VAL A 17 -2.03 1.62 -2.69
N LYS A 18 -3.00 1.13 -3.45
CA LYS A 18 -3.49 1.87 -4.60
C LYS A 18 -4.10 3.20 -4.13
N LYS A 19 -4.75 3.13 -2.97
CA LYS A 19 -5.37 4.31 -2.41
C LYS A 19 -4.30 5.35 -2.08
N LEU A 20 -3.08 4.86 -1.90
CA LEU A 20 -1.97 5.73 -1.59
C LEU A 20 -1.31 6.20 -2.87
N PHE A 21 -1.60 5.49 -3.96
CA PHE A 21 -1.05 5.83 -5.25
C PHE A 21 -1.83 6.97 -5.90
N LYS A 22 -3.03 7.17 -5.40
CA LYS A 22 -3.89 8.23 -5.92
C LYS A 22 -3.08 9.53 -6.04
N LYS A 23 -2.04 9.61 -5.22
CA LYS A 23 -1.19 10.79 -5.23
C LYS A 23 0.05 10.49 -6.08
N TRP A 24 0.46 9.24 -6.07
CA TRP A 24 1.63 8.82 -6.83
C TRP A 24 1.29 8.95 -8.31
N GLY A 25 2.32 9.24 -9.10
CA GLY A 25 2.15 9.41 -10.53
C GLY A 25 2.46 10.83 -10.97
N TRP A 26 3.75 11.13 -11.05
CA TRP A 26 4.19 12.45 -11.45
C TRP A 26 5.56 12.32 -12.12
N LYS A 1 15.55 5.13 11.52
CA LYS A 1 14.63 4.89 12.62
C LYS A 1 13.22 5.31 12.22
N SER A 2 12.67 4.56 11.27
CA SER A 2 11.33 4.83 10.78
C SER A 2 10.94 3.81 9.71
N SER A 3 10.08 2.88 10.13
CA SER A 3 9.62 1.84 9.22
C SER A 3 8.17 1.50 9.51
N ALA A 4 7.40 1.36 8.43
CA ALA A 4 5.98 1.04 8.56
C ALA A 4 5.40 0.80 7.17
N TYR A 5 5.46 -0.45 6.74
CA TYR A 5 4.93 -0.83 5.44
C TYR A 5 3.63 -1.61 5.57
N SER A 6 2.67 -1.00 6.24
CA SER A 6 1.37 -1.62 6.45
C SER A 6 1.55 -2.95 7.18
N LEU A 7 0.43 -3.55 7.55
CA LEU A 7 0.45 -4.82 8.26
C LEU A 7 0.23 -5.96 7.26
N GLN A 8 -0.74 -5.75 6.38
CA GLN A 8 -1.06 -6.75 5.37
C GLN A 8 -1.54 -8.04 6.03
N MET A 9 -2.79 -8.38 5.76
CA MET A 9 -3.40 -9.57 6.32
C MET A 9 -3.74 -10.58 5.22
N GLY A 10 -4.06 -10.04 4.04
CA GLY A 10 -4.42 -10.87 2.91
C GLY A 10 -3.27 -10.95 1.91
N ALA A 11 -3.47 -10.28 0.78
CA ALA A 11 -2.47 -10.26 -0.28
C ALA A 11 -2.93 -9.31 -1.38
N THR A 12 -3.94 -9.75 -2.12
CA THR A 12 -4.47 -8.95 -3.21
C THR A 12 -4.49 -7.47 -2.83
N ALA A 13 -5.05 -7.19 -1.67
CA ALA A 13 -5.14 -5.82 -1.17
C ALA A 13 -3.84 -5.10 -1.50
N ILE A 14 -2.74 -5.79 -1.27
CA ILE A 14 -1.42 -5.22 -1.53
C ILE A 14 -1.45 -4.48 -2.88
N LYS A 15 -1.99 -5.16 -3.88
CA LYS A 15 -2.08 -4.59 -5.21
C LYS A 15 -2.90 -3.30 -5.15
N GLN A 16 -3.96 -3.34 -4.37
CA GLN A 16 -4.83 -2.19 -4.21
C GLN A 16 -4.02 -0.97 -3.76
N VAL A 17 -2.92 -1.25 -3.09
CA VAL A 17 -2.04 -0.19 -2.60
C VAL A 17 -1.71 0.76 -3.75
N LYS A 18 -1.41 0.17 -4.90
CA LYS A 18 -1.08 0.94 -6.08
C LYS A 18 -2.28 1.79 -6.48
N LYS A 19 -3.47 1.23 -6.27
CA LYS A 19 -4.69 1.92 -6.61
C LYS A 19 -4.83 3.16 -5.72
N LEU A 20 -4.17 3.12 -4.58
CA LEU A 20 -4.21 4.22 -3.65
C LEU A 20 -3.07 5.19 -3.95
N PHE A 21 -2.13 4.71 -4.75
CA PHE A 21 -0.99 5.53 -5.13
C PHE A 21 -1.36 6.49 -6.26
N LYS A 22 -2.45 6.17 -6.94
CA LYS A 22 -2.92 6.99 -8.05
C LYS A 22 -3.08 8.43 -7.57
N LYS A 23 -3.18 8.58 -6.26
CA LYS A 23 -3.33 9.90 -5.65
C LYS A 23 -1.96 10.41 -5.20
N TRP A 24 -1.13 9.48 -4.76
CA TRP A 24 0.20 9.83 -4.30
C TRP A 24 1.00 10.33 -5.50
N GLY A 25 1.97 11.19 -5.22
CA GLY A 25 2.80 11.75 -6.27
C GLY A 25 3.33 13.14 -5.87
N TRP A 26 3.91 13.81 -6.84
CA TRP A 26 4.44 15.14 -6.62
C TRP A 26 4.01 16.04 -7.79
N LYS A 1 14.20 0.33 4.55
CA LYS A 1 13.98 -0.96 5.18
C LYS A 1 13.08 -1.81 4.28
N SER A 2 11.83 -1.38 4.17
CA SER A 2 10.87 -2.09 3.34
C SER A 2 10.54 -3.44 3.97
N SER A 3 9.28 -3.60 4.33
CA SER A 3 8.82 -4.84 4.94
C SER A 3 7.30 -4.78 5.18
N ALA A 4 6.77 -5.89 5.65
CA ALA A 4 5.34 -5.98 5.92
C ALA A 4 4.93 -4.80 6.80
N TYR A 5 3.62 -4.67 6.97
CA TYR A 5 3.07 -3.60 7.78
C TYR A 5 2.69 -4.09 9.17
N SER A 6 2.74 -5.41 9.34
CA SER A 6 2.40 -6.02 10.61
C SER A 6 2.10 -7.50 10.40
N LEU A 7 1.63 -7.83 9.21
CA LEU A 7 1.29 -9.20 8.87
C LEU A 7 1.18 -9.34 7.35
N GLN A 8 0.22 -8.61 6.79
CA GLN A 8 -0.01 -8.65 5.36
C GLN A 8 -0.93 -9.81 5.00
N MET A 9 -1.87 -9.53 4.11
CA MET A 9 -2.82 -10.54 3.67
C MET A 9 -2.71 -10.77 2.16
N GLY A 10 -2.71 -9.67 1.43
CA GLY A 10 -2.60 -9.74 -0.03
C GLY A 10 -3.86 -9.15 -0.69
N ALA A 11 -4.20 -7.95 -0.26
CA ALA A 11 -5.37 -7.27 -0.81
C ALA A 11 -5.43 -5.84 -0.24
N THR A 12 -5.38 -5.76 1.07
CA THR A 12 -5.43 -4.46 1.74
C THR A 12 -4.22 -3.62 1.34
N ALA A 13 -3.05 -4.24 1.40
CA ALA A 13 -1.83 -3.56 1.04
C ALA A 13 -2.06 -2.69 -0.19
N ILE A 14 -2.66 -3.29 -1.20
CA ILE A 14 -2.96 -2.59 -2.43
C ILE A 14 -3.47 -1.19 -2.11
N LYS A 15 -4.45 -1.14 -1.21
CA LYS A 15 -5.03 0.12 -0.80
C LYS A 15 -3.92 1.15 -0.58
N GLN A 16 -2.94 0.74 0.21
CA GLN A 16 -1.80 1.62 0.51
C GLN A 16 -1.17 2.13 -0.79
N VAL A 17 -1.03 1.21 -1.74
CA VAL A 17 -0.44 1.54 -3.02
C VAL A 17 -1.18 2.75 -3.62
N LYS A 18 -2.49 2.76 -3.42
CA LYS A 18 -3.32 3.84 -3.93
C LYS A 18 -2.90 5.15 -3.27
N LYS A 19 -2.53 5.05 -1.99
CA LYS A 19 -2.11 6.22 -1.24
C LYS A 19 -0.82 6.77 -1.84
N LEU A 20 -0.11 5.89 -2.55
CA LEU A 20 1.14 6.27 -3.18
C LEU A 20 0.87 6.75 -4.59
N PHE A 21 -0.32 6.43 -5.08
CA PHE A 21 -0.72 6.82 -6.43
C PHE A 21 -1.08 8.31 -6.47
N LYS A 22 -1.33 8.87 -5.29
CA LYS A 22 -1.68 10.26 -5.18
C LYS A 22 -0.74 11.10 -6.06
N LYS A 23 0.46 10.55 -6.27
CA LYS A 23 1.45 11.22 -7.08
C LYS A 23 1.37 10.70 -8.52
N TRP A 24 1.13 9.41 -8.62
CA TRP A 24 1.03 8.76 -9.92
C TRP A 24 -0.18 9.34 -10.65
N GLY A 25 -1.34 9.11 -10.07
CA GLY A 25 -2.58 9.62 -10.64
C GLY A 25 -2.88 8.93 -11.98
N TRP A 26 -3.94 8.13 -11.96
CA TRP A 26 -4.34 7.41 -13.16
C TRP A 26 -5.44 8.22 -13.85
N LYS A 1 13.12 2.10 14.10
CA LYS A 1 13.57 0.83 14.62
C LYS A 1 13.03 -0.30 13.72
N SER A 2 13.50 -0.30 12.48
CA SER A 2 13.08 -1.30 11.52
C SER A 2 11.59 -1.55 11.65
N SER A 3 10.81 -0.66 11.04
CA SER A 3 9.37 -0.77 11.08
C SER A 3 8.82 -1.04 9.68
N ALA A 4 8.37 -2.27 9.46
CA ALA A 4 7.82 -2.65 8.18
C ALA A 4 6.90 -3.85 8.36
N TYR A 5 7.49 -4.96 8.80
CA TYR A 5 6.74 -6.18 9.02
C TYR A 5 5.68 -6.37 7.93
N SER A 6 6.13 -6.91 6.80
CA SER A 6 5.24 -7.15 5.69
C SER A 6 4.61 -5.83 5.22
N LEU A 7 4.08 -5.86 4.00
CA LEU A 7 3.44 -4.69 3.44
C LEU A 7 1.95 -4.97 3.21
N GLN A 8 1.71 -5.96 2.35
CA GLN A 8 0.34 -6.34 2.03
C GLN A 8 0.28 -7.84 1.72
N MET A 9 -0.92 -8.39 1.85
CA MET A 9 -1.14 -9.79 1.60
C MET A 9 -2.62 -10.11 1.43
N GLY A 10 -3.41 -9.65 2.39
CA GLY A 10 -4.84 -9.87 2.36
C GLY A 10 -5.41 -9.57 0.98
N ALA A 11 -5.92 -8.36 0.83
CA ALA A 11 -6.49 -7.93 -0.43
C ALA A 11 -6.86 -6.45 -0.35
N THR A 12 -7.91 -6.17 0.40
CA THR A 12 -8.38 -4.81 0.57
C THR A 12 -7.19 -3.85 0.72
N ALA A 13 -6.27 -4.23 1.59
CA ALA A 13 -5.09 -3.42 1.83
C ALA A 13 -4.58 -2.86 0.50
N ILE A 14 -4.50 -3.74 -0.49
CA ILE A 14 -4.04 -3.35 -1.81
C ILE A 14 -4.73 -2.04 -2.22
N LYS A 15 -6.05 -2.06 -2.16
CA LYS A 15 -6.85 -0.90 -2.52
C LYS A 15 -6.22 0.35 -1.89
N GLN A 16 -5.83 0.21 -0.63
CA GLN A 16 -5.22 1.30 0.09
C GLN A 16 -3.99 1.82 -0.66
N VAL A 17 -3.20 0.87 -1.16
CA VAL A 17 -2.01 1.21 -1.90
C VAL A 17 -2.36 2.17 -3.03
N LYS A 18 -3.55 1.99 -3.58
CA LYS A 18 -4.02 2.83 -4.67
C LYS A 18 -4.19 4.26 -4.16
N LYS A 19 -4.65 4.37 -2.92
CA LYS A 19 -4.86 5.67 -2.31
C LYS A 19 -3.50 6.35 -2.09
N LEU A 20 -2.46 5.53 -2.14
CA LEU A 20 -1.10 6.04 -1.96
C LEU A 20 -0.53 6.45 -3.32
N PHE A 21 -1.17 5.96 -4.37
CA PHE A 21 -0.73 6.26 -5.71
C PHE A 21 -1.01 7.72 -6.07
N LYS A 22 -1.90 8.33 -5.29
CA LYS A 22 -2.26 9.72 -5.51
C LYS A 22 -1.00 10.54 -5.75
N LYS A 23 0.10 10.05 -5.20
CA LYS A 23 1.38 10.73 -5.34
C LYS A 23 2.18 10.06 -6.46
N TRP A 24 2.05 8.75 -6.54
CA TRP A 24 2.75 7.99 -7.56
C TRP A 24 2.10 8.29 -8.91
N GLY A 25 0.89 7.76 -9.08
CA GLY A 25 0.16 7.96 -10.31
C GLY A 25 0.55 6.92 -11.36
N TRP A 26 -0.19 6.92 -12.46
CA TRP A 26 0.07 5.99 -13.54
C TRP A 26 1.57 6.04 -13.85
N LYS A 1 8.99 0.09 6.73
CA LYS A 1 9.61 1.30 7.22
C LYS A 1 10.04 1.09 8.67
N SER A 2 9.07 0.84 9.52
CA SER A 2 9.33 0.62 10.94
C SER A 2 8.20 -0.22 11.54
N SER A 3 8.49 -0.76 12.73
CA SER A 3 7.52 -1.58 13.42
C SER A 3 7.33 -2.91 12.68
N ALA A 4 6.83 -2.80 11.46
CA ALA A 4 6.59 -3.98 10.64
C ALA A 4 7.14 -3.72 9.23
N TYR A 5 7.77 -4.76 8.68
CA TYR A 5 8.33 -4.66 7.35
C TYR A 5 7.81 -5.78 6.45
N SER A 6 6.50 -5.82 6.31
CA SER A 6 5.86 -6.84 5.49
C SER A 6 5.00 -6.17 4.41
N LEU A 7 5.03 -6.77 3.23
CA LEU A 7 4.26 -6.25 2.11
C LEU A 7 2.78 -6.20 2.48
N GLN A 8 2.03 -7.12 1.93
CA GLN A 8 0.60 -7.20 2.20
C GLN A 8 0.18 -8.65 2.47
N MET A 9 -1.02 -8.80 3.00
CA MET A 9 -1.55 -10.11 3.31
C MET A 9 -3.06 -10.16 3.09
N GLY A 10 -3.74 -9.14 3.60
CA GLY A 10 -5.18 -9.06 3.46
C GLY A 10 -5.59 -9.07 1.98
N ALA A 11 -5.80 -7.88 1.46
CA ALA A 11 -6.19 -7.73 0.07
C ALA A 11 -6.68 -6.30 -0.18
N THR A 12 -7.89 -6.03 0.29
CA THR A 12 -8.47 -4.70 0.13
C THR A 12 -7.40 -3.61 0.33
N ALA A 13 -6.68 -3.74 1.44
CA ALA A 13 -5.63 -2.79 1.76
C ALA A 13 -4.89 -2.41 0.48
N ILE A 14 -4.64 -3.41 -0.35
CA ILE A 14 -3.96 -3.19 -1.61
C ILE A 14 -4.55 -1.97 -2.32
N LYS A 15 -5.87 -2.00 -2.46
CA LYS A 15 -6.58 -0.91 -3.12
C LYS A 15 -6.10 0.42 -2.54
N GLN A 16 -5.93 0.43 -1.22
CA GLN A 16 -5.48 1.62 -0.53
C GLN A 16 -4.16 2.12 -1.12
N VAL A 17 -3.27 1.16 -1.36
CA VAL A 17 -1.97 1.47 -1.93
C VAL A 17 -2.16 2.25 -3.23
N LYS A 18 -3.21 1.90 -3.93
CA LYS A 18 -3.52 2.55 -5.20
C LYS A 18 -3.83 4.03 -4.94
N LYS A 19 -4.49 4.28 -3.82
CA LYS A 19 -4.85 5.64 -3.45
C LYS A 19 -3.58 6.44 -3.14
N LEU A 20 -2.50 5.69 -2.89
CA LEU A 20 -1.23 6.31 -2.58
C LEU A 20 -0.46 6.56 -3.87
N PHE A 21 -0.90 5.89 -4.92
CA PHE A 21 -0.26 6.03 -6.22
C PHE A 21 -0.57 7.40 -6.84
N LYS A 22 -1.62 8.02 -6.33
CA LYS A 22 -2.03 9.32 -6.83
C LYS A 22 -0.85 10.29 -6.73
N LYS A 23 0.11 9.93 -5.91
CA LYS A 23 1.29 10.75 -5.71
C LYS A 23 2.45 10.18 -6.54
N TRP A 24 2.39 8.87 -6.76
CA TRP A 24 3.41 8.20 -7.53
C TRP A 24 3.17 8.48 -9.01
N GLY A 25 2.01 8.03 -9.49
CA GLY A 25 1.64 8.24 -10.88
C GLY A 25 0.14 8.04 -11.08
N TRP A 26 -0.20 7.21 -12.05
CA TRP A 26 -1.59 6.93 -12.35
C TRP A 26 -2.09 5.90 -11.34
N LYS A 1 9.50 -6.34 17.17
CA LYS A 1 9.76 -4.98 16.74
C LYS A 1 10.19 -4.99 15.27
N SER A 2 9.45 -4.25 14.46
CA SER A 2 9.74 -4.17 13.04
C SER A 2 8.84 -3.13 12.37
N SER A 3 9.33 -2.59 11.26
CA SER A 3 8.58 -1.59 10.52
C SER A 3 9.10 -1.50 9.09
N ALA A 4 8.46 -2.27 8.22
CA ALA A 4 8.86 -2.30 6.82
C ALA A 4 7.81 -1.54 5.99
N TYR A 5 8.12 -1.34 4.73
CA TYR A 5 7.23 -0.64 3.82
C TYR A 5 5.87 -1.34 3.74
N SER A 6 5.85 -2.58 4.20
CA SER A 6 4.63 -3.37 4.19
C SER A 6 4.60 -4.31 5.39
N LEU A 7 3.40 -4.76 5.71
CA LEU A 7 3.22 -5.67 6.84
C LEU A 7 2.22 -6.76 6.46
N GLN A 8 1.11 -6.33 5.88
CA GLN A 8 0.07 -7.26 5.45
C GLN A 8 -0.46 -6.88 4.07
N MET A 9 -0.66 -7.89 3.26
CA MET A 9 -1.17 -7.67 1.91
C MET A 9 -2.49 -8.40 1.69
N GLY A 10 -2.61 -9.54 2.35
CA GLY A 10 -3.82 -10.35 2.24
C GLY A 10 -4.37 -10.31 0.82
N ALA A 11 -5.34 -9.43 0.61
CA ALA A 11 -5.96 -9.28 -0.68
C ALA A 11 -6.59 -7.89 -0.79
N THR A 12 -7.53 -7.63 0.11
CA THR A 12 -8.22 -6.35 0.13
C THR A 12 -7.21 -5.21 0.35
N ALA A 13 -6.32 -5.43 1.30
CA ALA A 13 -5.30 -4.43 1.62
C ALA A 13 -4.74 -3.86 0.31
N ILE A 14 -4.40 -4.76 -0.59
CA ILE A 14 -3.85 -4.36 -1.88
C ILE A 14 -4.63 -3.14 -2.41
N LYS A 15 -5.95 -3.28 -2.40
CA LYS A 15 -6.81 -2.22 -2.87
C LYS A 15 -6.39 -0.89 -2.23
N GLN A 16 -6.14 -0.96 -0.93
CA GLN A 16 -5.72 0.22 -0.19
C GLN A 16 -4.49 0.85 -0.83
N VAL A 17 -3.59 -0.02 -1.27
CA VAL A 17 -2.36 0.44 -1.91
C VAL A 17 -2.72 1.38 -3.06
N LYS A 18 -3.80 1.04 -3.74
CA LYS A 18 -4.24 1.85 -4.87
C LYS A 18 -4.68 3.23 -4.36
N LYS A 19 -5.26 3.23 -3.17
CA LYS A 19 -5.72 4.46 -2.56
C LYS A 19 -4.51 5.35 -2.24
N LEU A 20 -3.35 4.72 -2.20
CA LEU A 20 -2.12 5.42 -1.90
C LEU A 20 -1.43 5.81 -3.21
N PHE A 21 -1.89 5.20 -4.29
CA PHE A 21 -1.33 5.47 -5.61
C PHE A 21 -2.03 6.66 -6.26
N LYS A 22 -3.21 6.96 -5.76
CA LYS A 22 -3.99 8.07 -6.28
C LYS A 22 -3.26 9.38 -6.00
N LYS A 23 -2.24 9.29 -5.17
CA LYS A 23 -1.45 10.45 -4.80
C LYS A 23 -0.01 10.26 -5.29
N TRP A 24 0.18 9.19 -6.05
CA TRP A 24 1.50 8.89 -6.59
C TRP A 24 1.52 9.31 -8.06
N GLY A 25 2.72 9.49 -8.58
CA GLY A 25 2.89 9.89 -9.96
C GLY A 25 3.88 8.97 -10.68
N TRP A 26 4.94 9.58 -11.20
CA TRP A 26 5.96 8.82 -11.90
C TRP A 26 6.81 8.07 -10.87
N LYS A 1 15.30 -0.20 9.32
CA LYS A 1 13.89 -0.01 9.01
C LYS A 1 13.73 0.31 7.52
N SER A 2 12.69 -0.25 6.93
CA SER A 2 12.42 -0.04 5.53
C SER A 2 10.97 -0.46 5.20
N SER A 3 10.08 0.51 5.34
CA SER A 3 8.67 0.27 5.06
C SER A 3 8.09 -0.68 6.11
N ALA A 4 8.55 -1.92 6.07
CA ALA A 4 8.09 -2.94 7.01
C ALA A 4 6.58 -2.81 7.17
N TYR A 5 6.13 -3.06 8.40
CA TYR A 5 4.71 -2.99 8.70
C TYR A 5 3.89 -3.89 7.76
N SER A 6 4.49 -5.01 7.41
CA SER A 6 3.83 -5.96 6.53
C SER A 6 3.63 -5.33 5.16
N LEU A 7 3.57 -6.19 4.14
CA LEU A 7 3.38 -5.74 2.78
C LEU A 7 2.19 -6.47 2.16
N GLN A 8 2.28 -7.80 2.19
CA GLN A 8 1.23 -8.64 1.64
C GLN A 8 0.80 -9.69 2.65
N MET A 9 -0.48 -10.01 2.63
CA MET A 9 -1.03 -10.99 3.54
C MET A 9 -2.54 -11.18 3.32
N GLY A 10 -3.20 -10.08 3.02
CA GLY A 10 -4.62 -10.10 2.77
C GLY A 10 -4.94 -9.80 1.30
N ALA A 11 -5.52 -8.63 1.08
CA ALA A 11 -5.88 -8.22 -0.26
C ALA A 11 -6.37 -6.77 -0.24
N THR A 12 -7.51 -6.58 0.42
CA THR A 12 -8.10 -5.25 0.53
C THR A 12 -7.01 -4.21 0.77
N ALA A 13 -6.15 -4.51 1.74
CA ALA A 13 -5.06 -3.62 2.09
C ALA A 13 -4.48 -3.01 0.80
N ILE A 14 -4.25 -3.87 -0.17
CA ILE A 14 -3.69 -3.44 -1.45
C ILE A 14 -4.44 -2.19 -1.92
N LYS A 15 -5.76 -2.31 -1.97
CA LYS A 15 -6.58 -1.20 -2.40
C LYS A 15 -6.09 0.09 -1.75
N GLN A 16 -5.79 0.00 -0.46
CA GLN A 16 -5.30 1.14 0.29
C GLN A 16 -4.05 1.72 -0.38
N VAL A 17 -3.18 0.82 -0.82
CA VAL A 17 -1.95 1.23 -1.47
C VAL A 17 -2.29 2.15 -2.65
N LYS A 18 -3.42 1.87 -3.28
CA LYS A 18 -3.87 2.67 -4.40
C LYS A 18 -4.16 4.10 -3.93
N LYS A 19 -4.72 4.19 -2.74
CA LYS A 19 -5.05 5.48 -2.16
C LYS A 19 -3.76 6.25 -1.86
N LEU A 20 -2.66 5.52 -1.82
CA LEU A 20 -1.37 6.11 -1.55
C LEU A 20 -0.72 6.54 -2.87
N PHE A 21 -1.25 5.99 -3.95
CA PHE A 21 -0.74 6.31 -5.28
C PHE A 21 -1.09 7.74 -5.67
N LYS A 22 -2.07 8.29 -4.97
CA LYS A 22 -2.51 9.65 -5.23
C LYS A 22 -1.29 10.56 -5.39
N LYS A 23 -0.20 10.15 -4.75
CA LYS A 23 1.03 10.91 -4.81
C LYS A 23 1.96 10.30 -5.87
N TRP A 24 1.92 8.98 -5.94
CA TRP A 24 2.74 8.27 -6.90
C TRP A 24 2.19 8.53 -8.30
N GLY A 25 1.08 7.88 -8.59
CA GLY A 25 0.44 8.04 -9.89
C GLY A 25 1.48 8.08 -11.01
N TRP A 26 1.79 6.91 -11.54
CA TRP A 26 2.76 6.80 -12.61
C TRP A 26 1.99 6.61 -13.93
N LYS A 1 15.42 3.88 13.45
CA LYS A 1 16.02 3.47 12.19
C LYS A 1 14.94 2.95 11.25
N SER A 2 14.31 1.86 11.67
CA SER A 2 13.25 1.25 10.87
C SER A 2 11.92 1.32 11.63
N SER A 3 10.85 1.44 10.88
CA SER A 3 9.52 1.51 11.45
C SER A 3 8.86 0.14 11.43
N ALA A 4 8.83 -0.45 10.25
CA ALA A 4 8.23 -1.76 10.08
C ALA A 4 8.90 -2.47 8.89
N TYR A 5 8.93 -3.79 8.97
CA TYR A 5 9.53 -4.60 7.92
C TYR A 5 8.82 -5.94 7.79
N SER A 6 7.51 -5.87 7.60
CA SER A 6 6.71 -7.07 7.46
C SER A 6 5.79 -6.95 6.24
N LEU A 7 5.17 -8.06 5.88
CA LEU A 7 4.27 -8.09 4.74
C LEU A 7 2.92 -8.66 5.17
N GLN A 8 1.88 -7.89 4.92
CA GLN A 8 0.53 -8.29 5.28
C GLN A 8 -0.50 -7.40 4.60
N MET A 9 -1.29 -8.02 3.73
CA MET A 9 -2.32 -7.29 3.01
C MET A 9 -3.51 -8.20 2.69
N GLY A 10 -3.21 -9.30 2.02
CA GLY A 10 -4.25 -10.26 1.66
C GLY A 10 -4.67 -10.08 0.20
N ALA A 11 -5.68 -9.24 0.01
CA ALA A 11 -6.19 -8.97 -1.33
C ALA A 11 -6.78 -7.56 -1.37
N THR A 12 -7.99 -7.44 -0.85
CA THR A 12 -8.67 -6.16 -0.82
C THR A 12 -7.68 -5.03 -0.49
N ALA A 13 -6.89 -5.27 0.55
CA ALA A 13 -5.90 -4.29 0.97
C ALA A 13 -5.25 -3.66 -0.26
N ILE A 14 -4.96 -4.52 -1.24
CA ILE A 14 -4.34 -4.06 -2.47
C ILE A 14 -5.08 -2.82 -2.98
N LYS A 15 -6.38 -2.97 -3.12
CA LYS A 15 -7.20 -1.87 -3.60
C LYS A 15 -6.80 -0.58 -2.87
N GLN A 16 -6.58 -0.71 -1.58
CA GLN A 16 -6.19 0.42 -0.77
C GLN A 16 -4.94 1.08 -1.35
N VAL A 17 -3.99 0.25 -1.73
CA VAL A 17 -2.75 0.74 -2.30
C VAL A 17 -3.06 1.64 -3.50
N LYS A 18 -4.13 1.31 -4.20
CA LYS A 18 -4.55 2.08 -5.35
C LYS A 18 -4.96 3.48 -4.90
N LYS A 19 -5.58 3.54 -3.73
CA LYS A 19 -6.02 4.80 -3.18
C LYS A 19 -4.81 5.65 -2.81
N LEU A 20 -3.67 4.98 -2.70
CA LEU A 20 -2.43 5.66 -2.35
C LEU A 20 -1.74 6.14 -3.64
N PHE A 21 -2.18 5.58 -4.75
CA PHE A 21 -1.62 5.93 -6.04
C PHE A 21 -2.06 7.33 -6.47
N LYS A 22 -3.13 7.79 -5.84
CA LYS A 22 -3.66 9.11 -6.14
C LYS A 22 -2.55 10.16 -5.96
N LYS A 23 -1.53 9.77 -5.23
CA LYS A 23 -0.41 10.66 -4.97
C LYS A 23 0.75 10.29 -5.91
N TRP A 24 0.73 9.04 -6.36
CA TRP A 24 1.77 8.55 -7.25
C TRP A 24 1.41 8.99 -8.67
N GLY A 25 2.18 9.95 -9.18
CA GLY A 25 1.96 10.47 -10.51
C GLY A 25 3.26 10.92 -11.15
N TRP A 26 3.71 10.15 -12.13
CA TRP A 26 4.95 10.45 -12.83
C TRP A 26 4.58 11.18 -14.13
N LYS A 1 6.25 0.92 12.30
CA LYS A 1 7.34 1.77 12.76
C LYS A 1 8.46 1.77 11.72
N SER A 2 9.48 2.57 11.99
CA SER A 2 10.61 2.67 11.10
C SER A 2 10.20 3.39 9.81
N SER A 3 9.24 2.80 9.12
CA SER A 3 8.74 3.37 7.88
C SER A 3 7.68 2.45 7.27
N ALA A 4 8.10 1.23 6.97
CA ALA A 4 7.21 0.25 6.39
C ALA A 4 6.72 0.77 5.03
N TYR A 5 6.53 -0.17 4.11
CA TYR A 5 6.07 0.18 2.77
C TYR A 5 5.80 -1.07 1.95
N SER A 6 4.90 -1.90 2.46
CA SER A 6 4.54 -3.13 1.77
C SER A 6 3.06 -3.44 1.99
N LEU A 7 2.63 -3.31 3.24
CA LEU A 7 1.25 -3.57 3.59
C LEU A 7 0.81 -4.90 2.96
N GLN A 8 0.94 -5.96 3.75
CA GLN A 8 0.56 -7.28 3.29
C GLN A 8 0.08 -8.14 4.47
N MET A 9 -1.01 -8.85 4.24
CA MET A 9 -1.58 -9.70 5.27
C MET A 9 -2.66 -10.62 4.68
N GLY A 10 -3.46 -10.04 3.80
CA GLY A 10 -4.53 -10.79 3.17
C GLY A 10 -4.30 -10.92 1.66
N ALA A 11 -4.78 -9.91 0.93
CA ALA A 11 -4.63 -9.89 -0.51
C ALA A 11 -5.40 -8.69 -1.08
N THR A 12 -6.66 -8.61 -0.69
CA THR A 12 -7.52 -7.52 -1.16
C THR A 12 -7.03 -6.19 -0.60
N ALA A 13 -6.72 -6.19 0.68
CA ALA A 13 -6.24 -4.99 1.35
C ALA A 13 -5.22 -4.29 0.44
N ILE A 14 -4.35 -5.10 -0.14
CA ILE A 14 -3.32 -4.58 -1.02
C ILE A 14 -3.94 -3.58 -2.00
N LYS A 15 -4.99 -4.04 -2.67
CA LYS A 15 -5.69 -3.20 -3.63
C LYS A 15 -5.91 -1.81 -3.02
N GLN A 16 -6.31 -1.81 -1.76
CA GLN A 16 -6.56 -0.56 -1.05
C GLN A 16 -5.32 0.33 -1.10
N VAL A 17 -4.17 -0.30 -0.88
CA VAL A 17 -2.91 0.43 -0.88
C VAL A 17 -2.78 1.18 -2.21
N LYS A 18 -3.32 0.59 -3.25
CA LYS A 18 -3.26 1.19 -4.57
C LYS A 18 -4.07 2.49 -4.58
N LYS A 19 -5.17 2.46 -3.84
CA LYS A 19 -6.03 3.62 -3.74
C LYS A 19 -5.32 4.73 -2.98
N LEU A 20 -4.27 4.33 -2.28
CA LEU A 20 -3.48 5.28 -1.51
C LEU A 20 -2.35 5.83 -2.38
N PHE A 21 -2.10 5.12 -3.47
CA PHE A 21 -1.05 5.53 -4.39
C PHE A 21 -1.46 6.78 -5.17
N LYS A 22 -2.76 7.05 -5.16
CA LYS A 22 -3.29 8.22 -5.84
C LYS A 22 -2.42 9.43 -5.53
N LYS A 23 -1.77 9.37 -4.38
CA LYS A 23 -0.91 10.47 -3.96
C LYS A 23 0.54 10.13 -4.30
N TRP A 24 0.84 8.84 -4.23
CA TRP A 24 2.19 8.37 -4.52
C TRP A 24 2.39 8.46 -6.04
N GLY A 25 3.65 8.58 -6.44
CA GLY A 25 3.99 8.69 -7.84
C GLY A 25 5.21 7.82 -8.18
N TRP A 26 6.10 8.39 -8.98
CA TRP A 26 7.31 7.69 -9.38
C TRP A 26 8.45 8.19 -8.49
N LYS A 1 9.93 2.49 13.42
CA LYS A 1 9.71 3.59 12.51
C LYS A 1 10.31 3.24 11.14
N SER A 2 9.80 2.16 10.57
CA SER A 2 10.28 1.71 9.27
C SER A 2 9.30 2.14 8.18
N SER A 3 9.79 2.09 6.95
CA SER A 3 8.98 2.48 5.80
C SER A 3 8.66 1.25 4.94
N ALA A 4 7.74 0.44 5.43
CA ALA A 4 7.34 -0.76 4.72
C ALA A 4 6.21 -1.45 5.48
N TYR A 5 6.53 -1.86 6.70
CA TYR A 5 5.56 -2.55 7.54
C TYR A 5 4.68 -3.49 6.71
N SER A 6 5.23 -4.67 6.45
CA SER A 6 4.50 -5.67 5.68
C SER A 6 4.10 -5.08 4.32
N LEU A 7 3.68 -5.97 3.44
CA LEU A 7 3.26 -5.56 2.11
C LEU A 7 2.06 -6.41 1.67
N GLN A 8 2.22 -7.72 1.81
CA GLN A 8 1.17 -8.65 1.44
C GLN A 8 0.82 -9.56 2.61
N MET A 9 -0.48 -9.76 2.80
CA MET A 9 -0.95 -10.61 3.88
C MET A 9 -2.42 -10.97 3.70
N GLY A 10 -3.20 -9.97 3.34
CA GLY A 10 -4.63 -10.17 3.12
C GLY A 10 -4.95 -10.20 1.62
N ALA A 11 -5.33 -9.05 1.11
CA ALA A 11 -5.68 -8.93 -0.30
C ALA A 11 -6.46 -7.64 -0.53
N THR A 12 -7.37 -7.36 0.40
CA THR A 12 -8.19 -6.16 0.32
C THR A 12 -7.36 -4.92 0.64
N ALA A 13 -6.63 -5.00 1.73
CA ALA A 13 -5.78 -3.90 2.15
C ALA A 13 -5.05 -3.32 0.94
N ILE A 14 -4.56 -4.23 0.10
CA ILE A 14 -3.85 -3.83 -1.10
C ILE A 14 -4.57 -2.64 -1.75
N LYS A 15 -5.86 -2.84 -2.00
CA LYS A 15 -6.67 -1.81 -2.61
C LYS A 15 -6.38 -0.47 -1.94
N GLN A 16 -6.28 -0.52 -0.63
CA GLN A 16 -6.00 0.68 0.15
C GLN A 16 -4.72 1.35 -0.34
N VAL A 17 -3.72 0.53 -0.58
CA VAL A 17 -2.43 1.02 -1.06
C VAL A 17 -2.66 1.86 -2.32
N LYS A 18 -3.64 1.44 -3.09
CA LYS A 18 -3.97 2.14 -4.33
C LYS A 18 -4.45 3.55 -3.99
N LYS A 19 -5.19 3.64 -2.90
CA LYS A 19 -5.74 4.92 -2.47
C LYS A 19 -4.59 5.83 -2.04
N LEU A 20 -3.45 5.21 -1.77
CA LEU A 20 -2.27 5.95 -1.36
C LEU A 20 -1.47 6.37 -2.59
N PHE A 21 -1.75 5.70 -3.70
CA PHE A 21 -1.07 5.99 -4.95
C PHE A 21 -1.46 7.37 -5.48
N LYS A 22 -2.57 7.88 -4.95
CA LYS A 22 -3.06 9.18 -5.36
C LYS A 22 -1.90 10.17 -5.43
N LYS A 23 -1.03 10.08 -4.43
CA LYS A 23 0.13 10.95 -4.37
C LYS A 23 1.23 10.41 -5.27
N TRP A 24 1.47 9.11 -5.15
CA TRP A 24 2.49 8.45 -5.94
C TRP A 24 2.16 8.69 -7.42
N GLY A 25 3.21 8.74 -8.23
CA GLY A 25 3.05 8.96 -9.65
C GLY A 25 3.15 7.64 -10.42
N TRP A 26 4.34 7.40 -10.95
CA TRP A 26 4.57 6.19 -11.72
C TRP A 26 5.92 5.60 -11.27
N LYS A 1 7.05 3.84 2.58
CA LYS A 1 7.79 2.72 2.04
C LYS A 1 8.64 2.09 3.14
N SER A 2 9.59 2.88 3.64
CA SER A 2 10.46 2.42 4.70
C SER A 2 9.67 1.58 5.70
N SER A 3 8.65 2.20 6.27
CA SER A 3 7.81 1.54 7.25
C SER A 3 7.04 0.40 6.58
N ALA A 4 7.37 -0.82 6.96
CA ALA A 4 6.71 -1.99 6.42
C ALA A 4 5.98 -2.73 7.54
N TYR A 5 4.66 -2.68 7.46
CA TYR A 5 3.82 -3.34 8.45
C TYR A 5 2.65 -4.06 7.79
N SER A 6 2.98 -4.84 6.77
CA SER A 6 1.98 -5.60 6.05
C SER A 6 1.34 -6.64 6.98
N LEU A 7 0.06 -6.91 6.72
CA LEU A 7 -0.66 -7.87 7.53
C LEU A 7 -0.77 -9.19 6.76
N GLN A 8 -1.19 -9.08 5.50
CA GLN A 8 -1.34 -10.24 4.66
C GLN A 8 -0.52 -10.07 3.37
N MET A 9 -1.25 -9.95 2.26
CA MET A 9 -0.62 -9.77 0.97
C MET A 9 -1.66 -9.69 -0.15
N GLY A 10 -2.74 -10.45 0.04
CA GLY A 10 -3.81 -10.47 -0.94
C GLY A 10 -5.11 -9.92 -0.35
N ALA A 11 -4.96 -8.83 0.40
CA ALA A 11 -6.11 -8.20 1.02
C ALA A 11 -5.68 -6.86 1.62
N THR A 12 -4.64 -6.92 2.45
CA THR A 12 -4.12 -5.73 3.09
C THR A 12 -3.31 -4.89 2.10
N ALA A 13 -2.46 -5.58 1.36
CA ALA A 13 -1.62 -4.92 0.37
C ALA A 13 -2.50 -4.04 -0.53
N ILE A 14 -3.70 -4.55 -0.82
CA ILE A 14 -4.64 -3.83 -1.65
C ILE A 14 -4.68 -2.36 -1.23
N LYS A 15 -4.78 -2.16 0.08
CA LYS A 15 -4.83 -0.82 0.62
C LYS A 15 -3.55 -0.06 0.23
N GLN A 16 -2.44 -0.77 0.30
CA GLN A 16 -1.16 -0.19 -0.03
C GLN A 16 -1.21 0.41 -1.45
N VAL A 17 -2.09 -0.16 -2.27
CA VAL A 17 -2.24 0.29 -3.63
C VAL A 17 -2.44 1.82 -3.64
N LYS A 18 -3.26 2.28 -2.72
CA LYS A 18 -3.55 3.70 -2.61
C LYS A 18 -2.27 4.43 -2.20
N LYS A 19 -1.46 3.75 -1.40
CA LYS A 19 -0.21 4.33 -0.93
C LYS A 19 0.72 4.53 -2.11
N LEU A 20 0.41 3.87 -3.21
CA LEU A 20 1.22 3.97 -4.42
C LEU A 20 0.57 4.98 -5.36
N PHE A 21 -0.69 5.28 -5.09
CA PHE A 21 -1.43 6.23 -5.91
C PHE A 21 -1.06 7.67 -5.55
N LYS A 22 -0.54 7.83 -4.34
CA LYS A 22 -0.16 9.14 -3.86
C LYS A 22 0.86 9.75 -4.83
N LYS A 23 1.43 8.89 -5.66
CA LYS A 23 2.41 9.32 -6.64
C LYS A 23 1.77 9.34 -8.03
N TRP A 24 0.69 8.59 -8.15
CA TRP A 24 -0.02 8.50 -9.42
C TRP A 24 -0.77 9.81 -9.63
N GLY A 25 -0.73 10.30 -10.86
CA GLY A 25 -1.40 11.54 -11.21
C GLY A 25 -2.63 11.28 -12.07
N TRP A 26 -3.70 11.99 -11.74
CA TRP A 26 -4.95 11.84 -12.47
C TRP A 26 -5.04 12.99 -13.48
N LYS A 1 8.21 -7.46 14.04
CA LYS A 1 7.30 -6.94 15.04
C LYS A 1 6.88 -8.07 15.99
N SER A 2 6.18 -9.03 15.42
CA SER A 2 5.72 -10.18 16.20
C SER A 2 4.91 -11.12 15.32
N SER A 3 5.51 -12.26 15.03
CA SER A 3 4.85 -13.26 14.20
C SER A 3 4.14 -12.59 13.03
N ALA A 4 4.95 -12.01 12.14
CA ALA A 4 4.41 -11.33 10.97
C ALA A 4 5.57 -10.84 10.10
N TYR A 5 5.25 -10.61 8.83
CA TYR A 5 6.25 -10.14 7.89
C TYR A 5 5.96 -8.70 7.44
N SER A 6 4.81 -8.20 7.89
CA SER A 6 4.40 -6.85 7.54
C SER A 6 3.02 -6.56 8.13
N LEU A 7 2.66 -5.29 8.11
CA LEU A 7 1.37 -4.87 8.62
C LEU A 7 0.31 -5.88 8.22
N GLN A 8 0.36 -6.29 6.96
CA GLN A 8 -0.59 -7.26 6.44
C GLN A 8 0.10 -8.21 5.47
N MET A 9 -0.16 -8.00 4.19
CA MET A 9 0.43 -8.82 3.16
C MET A 9 -0.21 -8.55 1.80
N GLY A 10 -1.51 -8.32 1.83
CA GLY A 10 -2.26 -8.04 0.61
C GLY A 10 -3.62 -7.41 0.92
N ALA A 11 -3.57 -6.32 1.68
CA ALA A 11 -4.78 -5.62 2.06
C ALA A 11 -4.48 -4.13 2.22
N THR A 12 -4.33 -3.71 3.46
CA THR A 12 -4.04 -2.32 3.75
C THR A 12 -3.05 -1.75 2.73
N ALA A 13 -1.96 -2.49 2.54
CA ALA A 13 -0.93 -2.08 1.61
C ALA A 13 -1.59 -1.49 0.35
N ILE A 14 -2.68 -2.13 -0.06
CA ILE A 14 -3.41 -1.68 -1.23
C ILE A 14 -3.62 -0.16 -1.14
N LYS A 15 -4.17 0.26 -0.02
CA LYS A 15 -4.44 1.68 0.20
C LYS A 15 -3.20 2.48 -0.18
N GLN A 16 -2.04 1.95 0.21
CA GLN A 16 -0.78 2.61 -0.08
C GLN A 16 -0.65 2.87 -1.59
N VAL A 17 -0.99 1.86 -2.36
CA VAL A 17 -0.92 1.96 -3.81
C VAL A 17 -1.74 3.17 -4.27
N LYS A 18 -2.82 3.43 -3.53
CA LYS A 18 -3.68 4.55 -3.86
C LYS A 18 -2.91 5.86 -3.67
N LYS A 19 -2.06 5.86 -2.66
CA LYS A 19 -1.25 7.04 -2.36
C LYS A 19 -0.29 7.30 -3.52
N LEU A 20 -0.06 6.26 -4.29
CA LEU A 20 0.84 6.36 -5.43
C LEU A 20 0.04 6.75 -6.67
N PHE A 21 -1.27 6.56 -6.58
CA PHE A 21 -2.16 6.89 -7.69
C PHE A 21 -2.28 8.41 -7.86
N LYS A 22 -1.85 9.13 -6.84
CA LYS A 22 -1.89 10.58 -6.86
C LYS A 22 -1.39 11.08 -8.22
N LYS A 23 -0.34 10.44 -8.69
CA LYS A 23 0.24 10.80 -9.97
C LYS A 23 -0.53 10.11 -11.09
N TRP A 24 -0.61 8.79 -10.99
CA TRP A 24 -1.32 8.01 -11.99
C TRP A 24 -2.64 8.73 -12.32
N GLY A 25 -2.80 9.03 -13.59
CA GLY A 25 -4.00 9.72 -14.05
C GLY A 25 -3.96 9.94 -15.56
N TRP A 26 -4.83 9.23 -16.25
CA TRP A 26 -4.91 9.34 -17.69
C TRP A 26 -5.49 10.71 -18.03
N LYS A 1 4.21 2.67 9.72
CA LYS A 1 3.73 4.03 9.85
C LYS A 1 4.02 4.80 8.56
N SER A 2 3.18 4.56 7.56
CA SER A 2 3.35 5.22 6.28
C SER A 2 4.66 4.78 5.63
N SER A 3 4.53 3.93 4.62
CA SER A 3 5.70 3.44 3.90
C SER A 3 6.69 2.83 4.89
N ALA A 4 6.66 1.50 4.97
CA ALA A 4 7.54 0.79 5.87
C ALA A 4 8.06 -0.47 5.17
N TYR A 5 7.21 -1.47 5.09
CA TYR A 5 7.56 -2.72 4.45
C TYR A 5 6.36 -3.67 4.35
N SER A 6 5.20 -3.06 4.16
CA SER A 6 3.96 -3.83 4.05
C SER A 6 4.20 -5.09 3.23
N LEU A 7 3.65 -6.19 3.72
CA LEU A 7 3.79 -7.46 3.04
C LEU A 7 2.68 -7.63 2.01
N GLN A 8 1.47 -7.26 2.43
CA GLN A 8 0.31 -7.35 1.54
C GLN A 8 0.11 -8.80 1.09
N MET A 9 -1.01 -9.37 1.50
CA MET A 9 -1.34 -10.74 1.15
C MET A 9 -2.83 -11.01 1.33
N GLY A 10 -3.34 -10.57 2.47
CA GLY A 10 -4.75 -10.76 2.78
C GLY A 10 -5.62 -10.44 1.57
N ALA A 11 -6.09 -9.20 1.53
CA ALA A 11 -6.93 -8.76 0.43
C ALA A 11 -7.23 -7.26 0.60
N THR A 12 -7.78 -6.93 1.75
CA THR A 12 -8.12 -5.55 2.04
C THR A 12 -6.85 -4.67 2.02
N ALA A 13 -5.82 -5.16 2.70
CA ALA A 13 -4.56 -4.43 2.76
C ALA A 13 -4.26 -3.84 1.39
N ILE A 14 -4.41 -4.67 0.37
CA ILE A 14 -4.16 -4.24 -1.00
C ILE A 14 -4.83 -2.89 -1.23
N LYS A 15 -6.11 -2.84 -0.94
CA LYS A 15 -6.88 -1.62 -1.11
C LYS A 15 -6.09 -0.44 -0.53
N GLN A 16 -5.50 -0.69 0.63
CA GLN A 16 -4.73 0.33 1.31
C GLN A 16 -3.63 0.88 0.38
N VAL A 17 -2.97 -0.05 -0.29
CA VAL A 17 -1.90 0.30 -1.21
C VAL A 17 -2.43 1.32 -2.22
N LYS A 18 -3.70 1.16 -2.56
CA LYS A 18 -4.34 2.05 -3.52
C LYS A 18 -4.40 3.46 -2.93
N LYS A 19 -4.63 3.51 -1.63
CA LYS A 19 -4.72 4.79 -0.94
C LYS A 19 -3.35 5.47 -0.97
N LEU A 20 -2.33 4.68 -1.25
CA LEU A 20 -0.98 5.19 -1.32
C LEU A 20 -0.62 5.52 -2.77
N PHE A 21 -1.42 4.99 -3.67
CA PHE A 21 -1.22 5.21 -5.09
C PHE A 21 -1.37 6.69 -5.44
N LYS A 22 -2.02 7.41 -4.55
CA LYS A 22 -2.24 8.84 -4.75
C LYS A 22 -0.90 9.57 -4.67
N LYS A 23 0.13 8.81 -4.32
CA LYS A 23 1.47 9.37 -4.22
C LYS A 23 2.38 8.69 -5.23
N TRP A 24 2.05 7.46 -5.55
CA TRP A 24 2.83 6.69 -6.51
C TRP A 24 2.37 7.06 -7.91
N GLY A 25 3.31 7.05 -8.83
CA GLY A 25 3.02 7.38 -10.21
C GLY A 25 3.03 8.90 -10.43
N TRP A 26 2.44 9.30 -11.55
CA TRP A 26 2.38 10.72 -11.88
C TRP A 26 1.71 11.45 -10.72
N LYS A 1 10.16 -3.17 6.29
CA LYS A 1 10.68 -1.98 6.93
C LYS A 1 11.29 -2.36 8.29
N SER A 2 10.51 -3.09 9.08
CA SER A 2 10.97 -3.53 10.38
C SER A 2 10.30 -4.85 10.76
N SER A 3 8.97 -4.81 10.79
CA SER A 3 8.19 -6.00 11.13
C SER A 3 6.85 -5.97 10.40
N ALA A 4 6.46 -7.13 9.91
CA ALA A 4 5.19 -7.26 9.20
C ALA A 4 4.51 -8.55 9.62
N TYR A 5 3.81 -9.16 8.66
CA TYR A 5 3.10 -10.40 8.92
C TYR A 5 2.18 -10.25 10.12
N SER A 6 1.85 -9.01 10.44
CA SER A 6 0.98 -8.73 11.57
C SER A 6 -0.35 -8.14 11.08
N LEU A 7 -0.36 -7.79 9.80
CA LEU A 7 -1.55 -7.22 9.20
C LEU A 7 -1.43 -7.29 7.67
N GLN A 8 -0.37 -6.66 7.17
CA GLN A 8 -0.13 -6.65 5.73
C GLN A 8 0.37 -8.02 5.27
N MET A 9 0.17 -8.28 3.98
CA MET A 9 0.60 -9.54 3.40
C MET A 9 0.30 -9.58 1.90
N GLY A 10 -0.85 -9.04 1.55
CA GLY A 10 -1.27 -9.01 0.16
C GLY A 10 -2.66 -8.39 0.01
N ALA A 11 -2.84 -7.26 0.67
CA ALA A 11 -4.12 -6.55 0.62
C ALA A 11 -3.89 -5.08 0.92
N THR A 12 -3.69 -4.79 2.20
CA THR A 12 -3.46 -3.41 2.63
C THR A 12 -2.51 -2.71 1.66
N ALA A 13 -1.42 -3.37 1.35
CA ALA A 13 -0.43 -2.82 0.45
C ALA A 13 -1.14 -2.11 -0.70
N ILE A 14 -2.10 -2.81 -1.29
CA ILE A 14 -2.87 -2.26 -2.40
C ILE A 14 -3.20 -0.80 -2.10
N LYS A 15 -3.81 -0.59 -0.94
CA LYS A 15 -4.18 0.75 -0.53
C LYS A 15 -3.04 1.72 -0.83
N GLN A 16 -1.84 1.28 -0.51
CA GLN A 16 -0.65 2.09 -0.74
C GLN A 16 -0.57 2.50 -2.22
N VAL A 17 -0.86 1.53 -3.08
CA VAL A 17 -0.82 1.77 -4.51
C VAL A 17 -1.70 2.98 -4.84
N LYS A 18 -2.77 3.11 -4.09
CA LYS A 18 -3.70 4.22 -4.28
C LYS A 18 -2.99 5.53 -3.97
N LYS A 19 -2.15 5.49 -2.95
CA LYS A 19 -1.41 6.67 -2.55
C LYS A 19 -0.42 7.06 -3.65
N LEU A 20 -0.18 6.10 -4.53
CA LEU A 20 0.74 6.33 -5.64
C LEU A 20 -0.06 6.74 -6.88
N PHE A 21 -1.36 6.49 -6.82
CA PHE A 21 -2.24 6.83 -7.93
C PHE A 21 -2.27 8.33 -8.17
N LYS A 22 -1.85 9.07 -7.16
CA LYS A 22 -1.83 10.52 -7.24
C LYS A 22 -0.76 10.95 -8.25
N LYS A 23 -0.03 9.97 -8.75
CA LYS A 23 1.01 10.22 -9.72
C LYS A 23 0.67 9.48 -11.03
N TRP A 24 -0.05 8.38 -10.88
CA TRP A 24 -0.44 7.59 -12.03
C TRP A 24 -1.73 8.18 -12.60
N GLY A 25 -2.80 8.04 -11.83
CA GLY A 25 -4.09 8.55 -12.25
C GLY A 25 -4.54 9.71 -11.35
N TRP A 26 -4.54 10.90 -11.93
CA TRP A 26 -4.94 12.09 -11.20
C TRP A 26 -6.23 11.77 -10.44
N LYS A 1 5.41 -4.27 10.36
CA LYS A 1 4.57 -3.97 11.51
C LYS A 1 4.99 -2.62 12.10
N SER A 2 6.21 -2.59 12.62
CA SER A 2 6.74 -1.38 13.21
C SER A 2 7.96 -0.90 12.42
N SER A 3 8.95 -1.79 12.32
CA SER A 3 10.16 -1.47 11.60
C SER A 3 10.25 -2.31 10.32
N ALA A 4 9.46 -1.90 9.33
CA ALA A 4 9.44 -2.59 8.05
C ALA A 4 8.89 -1.66 6.98
N TYR A 5 8.85 -2.18 5.76
CA TYR A 5 8.35 -1.41 4.64
C TYR A 5 6.94 -1.87 4.24
N SER A 6 6.34 -2.65 5.12
CA SER A 6 4.99 -3.15 4.88
C SER A 6 4.38 -3.63 6.19
N LEU A 7 3.08 -3.91 6.13
CA LEU A 7 2.36 -4.37 7.30
C LEU A 7 1.44 -5.53 6.90
N GLN A 8 0.54 -5.23 5.97
CA GLN A 8 -0.39 -6.24 5.50
C GLN A 8 -0.68 -6.03 4.00
N MET A 9 -1.08 -7.12 3.35
CA MET A 9 -1.39 -7.07 1.93
C MET A 9 -2.55 -8.00 1.60
N GLY A 10 -2.44 -9.24 2.07
CA GLY A 10 -3.49 -10.22 1.83
C GLY A 10 -3.85 -10.28 0.34
N ALA A 11 -4.84 -9.48 -0.02
CA ALA A 11 -5.29 -9.42 -1.41
C ALA A 11 -6.13 -8.17 -1.61
N THR A 12 -7.16 -8.03 -0.79
CA THR A 12 -8.04 -6.89 -0.88
C THR A 12 -7.29 -5.60 -0.53
N ALA A 13 -6.54 -5.68 0.57
CA ALA A 13 -5.76 -4.54 1.03
C ALA A 13 -5.08 -3.87 -0.18
N ILE A 14 -4.59 -4.71 -1.07
CA ILE A 14 -3.91 -4.22 -2.26
C ILE A 14 -4.75 -3.10 -2.89
N LYS A 15 -6.02 -3.43 -3.15
CA LYS A 15 -6.93 -2.47 -3.75
C LYS A 15 -6.75 -1.12 -3.06
N GLN A 16 -6.66 -1.16 -1.75
CA GLN A 16 -6.49 0.04 -0.96
C GLN A 16 -5.27 0.84 -1.46
N VAL A 17 -4.19 0.10 -1.71
CA VAL A 17 -2.97 0.73 -2.19
C VAL A 17 -3.27 1.56 -3.43
N LYS A 18 -4.22 1.06 -4.22
CA LYS A 18 -4.61 1.74 -5.43
C LYS A 18 -5.24 3.09 -5.08
N LYS A 19 -5.99 3.09 -3.99
CA LYS A 19 -6.65 4.31 -3.53
C LYS A 19 -5.59 5.33 -3.10
N LEU A 20 -4.37 4.82 -2.88
CA LEU A 20 -3.28 5.67 -2.47
C LEU A 20 -2.45 6.06 -3.70
N PHE A 21 -2.67 5.34 -4.78
CA PHE A 21 -1.96 5.60 -6.01
C PHE A 21 -2.30 6.99 -6.56
N LYS A 22 -3.41 7.52 -6.08
CA LYS A 22 -3.86 8.84 -6.51
C LYS A 22 -2.87 9.90 -5.99
N LYS A 23 -1.92 9.43 -5.19
CA LYS A 23 -0.92 10.33 -4.63
C LYS A 23 0.47 9.90 -5.13
N TRP A 24 0.59 8.61 -5.41
CA TRP A 24 1.85 8.06 -5.89
C TRP A 24 1.89 8.24 -7.41
N GLY A 25 3.11 8.31 -7.92
CA GLY A 25 3.30 8.47 -9.35
C GLY A 25 4.72 8.07 -9.77
N TRP A 26 5.65 8.98 -9.51
CA TRP A 26 7.05 8.73 -9.85
C TRP A 26 7.50 7.49 -9.08
N LYS A 1 10.52 7.48 8.87
CA LYS A 1 9.07 7.60 8.84
C LYS A 1 8.49 6.39 8.11
N SER A 2 8.80 6.31 6.82
CA SER A 2 8.31 5.21 6.00
C SER A 2 8.49 3.88 6.74
N SER A 3 7.37 3.18 6.89
CA SER A 3 7.39 1.89 7.57
C SER A 3 7.89 0.81 6.62
N ALA A 4 7.08 0.53 5.61
CA ALA A 4 7.43 -0.49 4.63
C ALA A 4 6.43 -0.43 3.47
N TYR A 5 5.17 -0.64 3.80
CA TYR A 5 4.11 -0.60 2.80
C TYR A 5 4.50 -1.43 1.58
N SER A 6 4.41 -2.74 1.73
CA SER A 6 4.75 -3.65 0.64
C SER A 6 4.26 -5.06 0.98
N LEU A 7 4.46 -5.45 2.22
CA LEU A 7 4.05 -6.77 2.68
C LEU A 7 2.55 -6.94 2.42
N GLN A 8 2.25 -7.73 1.40
CA GLN A 8 0.86 -7.98 1.03
C GLN A 8 0.55 -9.47 1.17
N MET A 9 -0.46 -9.76 1.98
CA MET A 9 -0.87 -11.13 2.21
C MET A 9 -2.37 -11.21 2.52
N GLY A 10 -2.81 -10.32 3.38
CA GLY A 10 -4.22 -10.27 3.77
C GLY A 10 -5.12 -10.15 2.54
N ALA A 11 -5.60 -8.94 2.31
CA ALA A 11 -6.47 -8.68 1.17
C ALA A 11 -6.91 -7.23 1.20
N THR A 12 -7.86 -6.94 2.08
CA THR A 12 -8.39 -5.60 2.22
C THR A 12 -7.26 -4.57 2.09
N ALA A 13 -6.22 -4.76 2.89
CA ALA A 13 -5.08 -3.86 2.87
C ALA A 13 -4.78 -3.48 1.42
N ILE A 14 -4.92 -4.44 0.54
CA ILE A 14 -4.66 -4.22 -0.88
C ILE A 14 -5.23 -2.85 -1.28
N LYS A 15 -6.54 -2.72 -1.11
CA LYS A 15 -7.21 -1.48 -1.45
C LYS A 15 -6.50 -0.31 -0.76
N GLN A 16 -6.09 -0.56 0.48
CA GLN A 16 -5.41 0.45 1.26
C GLN A 16 -4.16 0.95 0.52
N VAL A 17 -3.46 0.00 -0.10
CA VAL A 17 -2.27 0.33 -0.85
C VAL A 17 -2.60 1.37 -1.92
N LYS A 18 -3.82 1.27 -2.44
CA LYS A 18 -4.27 2.19 -3.46
C LYS A 18 -4.35 3.60 -2.88
N LYS A 19 -4.73 3.66 -1.61
CA LYS A 19 -4.85 4.93 -0.91
C LYS A 19 -3.46 5.55 -0.76
N LEU A 20 -2.45 4.71 -0.90
CA LEU A 20 -1.07 5.17 -0.77
C LEU A 20 -0.56 5.61 -2.15
N PHE A 21 -1.28 5.17 -3.18
CA PHE A 21 -0.91 5.52 -4.55
C PHE A 21 -1.16 7.01 -4.82
N LYS A 22 -1.95 7.62 -3.96
CA LYS A 22 -2.27 9.01 -4.10
C LYS A 22 -1.00 9.80 -4.42
N LYS A 23 0.08 9.43 -3.73
CA LYS A 23 1.36 10.09 -3.93
C LYS A 23 2.03 9.49 -5.17
N TRP A 24 2.06 8.17 -5.20
CA TRP A 24 2.68 7.47 -6.31
C TRP A 24 2.05 7.98 -7.61
N GLY A 25 2.79 7.82 -8.70
CA GLY A 25 2.32 8.26 -10.00
C GLY A 25 3.38 8.02 -11.07
N TRP A 26 3.21 6.92 -11.80
CA TRP A 26 4.15 6.57 -12.85
C TRP A 26 4.41 7.83 -13.68
N LYS A 1 3.66 7.81 10.71
CA LYS A 1 4.02 7.20 9.44
C LYS A 1 3.91 5.68 9.56
N SER A 2 2.67 5.20 9.47
CA SER A 2 2.42 3.77 9.57
C SER A 2 2.76 3.09 8.23
N SER A 3 4.04 2.86 8.04
CA SER A 3 4.51 2.22 6.82
C SER A 3 4.82 0.74 7.09
N ALA A 4 4.40 -0.10 6.15
CA ALA A 4 4.62 -1.53 6.28
C ALA A 4 5.68 -1.96 5.27
N TYR A 5 6.31 -3.09 5.58
CA TYR A 5 7.35 -3.63 4.72
C TYR A 5 7.04 -5.06 4.30
N SER A 6 6.23 -5.17 3.25
CA SER A 6 5.85 -6.49 2.75
C SER A 6 4.97 -6.32 1.52
N LEU A 7 4.69 -7.45 0.87
CA LEU A 7 3.86 -7.45 -0.33
C LEU A 7 2.39 -7.46 0.08
N GLN A 8 2.00 -8.53 0.76
CA GLN A 8 0.63 -8.67 1.20
C GLN A 8 0.55 -9.67 2.37
N MET A 9 -0.49 -9.51 3.17
CA MET A 9 -0.70 -10.39 4.31
C MET A 9 -2.16 -10.40 4.74
N GLY A 10 -2.70 -9.20 4.94
CA GLY A 10 -4.09 -9.07 5.35
C GLY A 10 -5.04 -9.30 4.17
N ALA A 11 -5.46 -8.19 3.58
CA ALA A 11 -6.37 -8.26 2.44
C ALA A 11 -6.85 -6.85 2.10
N THR A 12 -7.27 -6.13 3.14
CA THR A 12 -7.75 -4.77 2.96
C THR A 12 -6.61 -3.84 2.54
N ALA A 13 -5.53 -3.92 3.30
CA ALA A 13 -4.36 -3.10 3.02
C ALA A 13 -4.11 -3.08 1.51
N ILE A 14 -4.19 -4.26 0.91
CA ILE A 14 -3.98 -4.38 -0.52
C ILE A 14 -4.65 -3.22 -1.24
N LYS A 15 -5.89 -2.95 -0.85
CA LYS A 15 -6.64 -1.87 -1.45
C LYS A 15 -5.93 -0.54 -1.19
N GLN A 16 -5.50 -0.38 0.06
CA GLN A 16 -4.80 0.84 0.46
C GLN A 16 -3.62 1.10 -0.48
N VAL A 17 -3.22 0.05 -1.18
CA VAL A 17 -2.10 0.16 -2.12
C VAL A 17 -2.33 1.36 -3.03
N LYS A 18 -3.53 1.43 -3.59
CA LYS A 18 -3.88 2.52 -4.49
C LYS A 18 -3.91 3.83 -3.69
N LYS A 19 -4.24 3.70 -2.42
CA LYS A 19 -4.32 4.86 -1.54
C LYS A 19 -2.92 5.48 -1.40
N LEU A 20 -1.92 4.65 -1.65
CA LEU A 20 -0.54 5.10 -1.56
C LEU A 20 -0.08 5.62 -2.93
N PHE A 21 -0.83 5.25 -3.95
CA PHE A 21 -0.52 5.66 -5.31
C PHE A 21 -1.02 7.08 -5.57
N LYS A 22 -1.95 7.51 -4.74
CA LYS A 22 -2.52 8.84 -4.87
C LYS A 22 -1.39 9.86 -5.06
N LYS A 23 -0.22 9.49 -4.57
CA LYS A 23 0.95 10.35 -4.67
C LYS A 23 1.79 9.91 -5.86
N TRP A 24 1.80 8.60 -6.09
CA TRP A 24 2.56 8.04 -7.19
C TRP A 24 1.95 8.54 -8.49
N GLY A 25 2.61 9.52 -9.09
CA GLY A 25 2.15 10.09 -10.34
C GLY A 25 2.20 9.06 -11.47
N TRP A 26 1.67 9.46 -12.61
CA TRP A 26 1.64 8.58 -13.77
C TRP A 26 1.34 9.43 -15.00
N LYS A 1 12.37 -2.31 -0.94
CA LYS A 1 11.47 -2.94 -1.90
C LYS A 1 10.39 -3.73 -1.15
N SER A 2 9.17 -3.22 -1.24
CA SER A 2 8.05 -3.87 -0.56
C SER A 2 8.41 -4.17 0.89
N SER A 3 8.08 -3.20 1.75
CA SER A 3 8.36 -3.35 3.16
C SER A 3 7.20 -2.78 3.99
N ALA A 4 6.27 -3.67 4.31
CA ALA A 4 5.11 -3.27 5.08
C ALA A 4 5.52 -3.05 6.55
N TYR A 5 4.69 -2.32 7.26
CA TYR A 5 4.95 -2.03 8.66
C TYR A 5 3.90 -2.67 9.57
N SER A 6 2.77 -3.00 8.96
CA SER A 6 1.67 -3.62 9.70
C SER A 6 0.36 -3.43 8.93
N LEU A 7 0.31 -2.35 8.15
CA LEU A 7 -0.87 -2.06 7.36
C LEU A 7 -0.99 -3.06 6.22
N GLN A 8 0.15 -3.39 5.64
CA GLN A 8 0.20 -4.33 4.54
C GLN A 8 0.75 -5.68 5.01
N MET A 9 -0.08 -6.70 4.91
CA MET A 9 0.32 -8.03 5.31
C MET A 9 -0.65 -9.09 4.76
N GLY A 10 -1.93 -8.84 4.98
CA GLY A 10 -2.96 -9.76 4.50
C GLY A 10 -2.64 -10.26 3.10
N ALA A 11 -3.17 -9.55 2.12
CA ALA A 11 -2.94 -9.91 0.72
C ALA A 11 -3.63 -8.88 -0.19
N THR A 12 -4.94 -8.74 0.03
CA THR A 12 -5.71 -7.80 -0.76
C THR A 12 -5.16 -6.38 -0.62
N ALA A 13 -4.94 -5.99 0.63
CA ALA A 13 -4.41 -4.67 0.93
C ALA A 13 -3.32 -4.33 -0.10
N ILE A 14 -2.42 -5.28 -0.29
CA ILE A 14 -1.33 -5.09 -1.23
C ILE A 14 -1.85 -4.39 -2.48
N LYS A 15 -3.00 -4.86 -2.95
CA LYS A 15 -3.61 -4.29 -4.14
C LYS A 15 -3.93 -2.81 -3.88
N GLN A 16 -4.54 -2.56 -2.73
CA GLN A 16 -4.91 -1.21 -2.36
C GLN A 16 -3.69 -0.29 -2.48
N VAL A 17 -2.52 -0.90 -2.49
CA VAL A 17 -1.28 -0.14 -2.61
C VAL A 17 -1.40 0.85 -3.77
N LYS A 18 -1.81 0.32 -4.91
CA LYS A 18 -1.96 1.15 -6.10
C LYS A 18 -3.09 2.16 -5.86
N LYS A 19 -4.04 1.76 -5.04
CA LYS A 19 -5.17 2.61 -4.72
C LYS A 19 -4.68 3.85 -3.96
N LEU A 20 -3.52 3.69 -3.34
CA LEU A 20 -2.94 4.78 -2.57
C LEU A 20 -2.01 5.59 -3.49
N PHE A 21 -1.68 5.00 -4.62
CA PHE A 21 -0.81 5.65 -5.59
C PHE A 21 -1.60 6.62 -6.47
N LYS A 22 -2.91 6.42 -6.49
CA LYS A 22 -3.78 7.27 -7.28
C LYS A 22 -3.53 8.73 -6.93
N LYS A 23 -2.95 8.93 -5.76
CA LYS A 23 -2.64 10.28 -5.29
C LYS A 23 -1.21 10.65 -5.70
N TRP A 24 -0.34 9.66 -5.65
CA TRP A 24 1.05 9.87 -6.02
C TRP A 24 1.11 10.16 -7.52
N GLY A 25 2.25 10.66 -7.95
CA GLY A 25 2.45 10.99 -9.35
C GLY A 25 3.07 12.37 -9.51
N TRP A 26 2.21 13.35 -9.75
CA TRP A 26 2.67 14.72 -9.92
C TRP A 26 2.47 15.45 -8.59
N LYS A 1 6.31 6.34 8.01
CA LYS A 1 7.48 7.04 8.54
C LYS A 1 8.49 7.24 7.42
N SER A 2 9.01 6.14 6.92
CA SER A 2 9.99 6.18 5.84
C SER A 2 9.28 6.28 4.50
N SER A 3 8.42 5.30 4.23
CA SER A 3 7.67 5.27 2.99
C SER A 3 6.46 4.35 3.14
N ALA A 4 6.73 3.06 3.22
CA ALA A 4 5.67 2.08 3.37
C ALA A 4 6.26 0.68 3.25
N TYR A 5 6.04 -0.11 4.30
CA TYR A 5 6.55 -1.47 4.33
C TYR A 5 5.45 -2.46 4.71
N SER A 6 4.55 -2.69 3.75
CA SER A 6 3.45 -3.61 3.97
C SER A 6 3.81 -5.00 3.45
N LEU A 7 3.23 -6.01 4.08
CA LEU A 7 3.48 -7.38 3.69
C LEU A 7 2.41 -7.83 2.68
N GLN A 8 1.18 -7.42 2.95
CA GLN A 8 0.07 -7.77 2.08
C GLN A 8 -0.17 -9.28 2.10
N MET A 9 -1.38 -9.66 2.49
CA MET A 9 -1.75 -11.06 2.55
C MET A 9 -3.26 -11.23 2.57
N GLY A 10 -3.89 -10.55 3.52
CA GLY A 10 -5.33 -10.62 3.65
C GLY A 10 -6.01 -10.68 2.27
N ALA A 11 -6.19 -9.50 1.69
CA ALA A 11 -6.82 -9.40 0.39
C ALA A 11 -7.26 -7.95 0.15
N THR A 12 -7.80 -7.35 1.19
CA THR A 12 -8.27 -5.98 1.12
C THR A 12 -7.07 -5.02 1.04
N ALA A 13 -6.13 -5.22 1.94
CA ALA A 13 -4.95 -4.38 1.99
C ALA A 13 -4.44 -4.15 0.56
N ILE A 14 -4.40 -5.22 -0.20
CA ILE A 14 -3.94 -5.15 -1.58
C ILE A 14 -4.50 -3.88 -2.23
N LYS A 15 -5.79 -3.68 -2.02
CA LYS A 15 -6.46 -2.53 -2.58
C LYS A 15 -5.83 -1.25 -2.02
N GLN A 16 -5.61 -1.26 -0.71
CA GLN A 16 -5.01 -0.12 -0.05
C GLN A 16 -3.70 0.27 -0.73
N VAL A 17 -3.17 -0.67 -1.49
CA VAL A 17 -1.92 -0.44 -2.20
C VAL A 17 -2.01 0.88 -2.96
N LYS A 18 -3.09 1.03 -3.71
CA LYS A 18 -3.31 2.23 -4.48
C LYS A 18 -3.50 3.42 -3.53
N LYS A 19 -4.04 3.12 -2.35
CA LYS A 19 -4.28 4.14 -1.35
C LYS A 19 -2.93 4.72 -0.89
N LEU A 20 -1.88 3.93 -1.07
CA LEU A 20 -0.55 4.35 -0.69
C LEU A 20 0.13 5.03 -1.87
N PHE A 21 -0.45 4.83 -3.05
CA PHE A 21 0.08 5.42 -4.26
C PHE A 21 -0.31 6.89 -4.38
N LYS A 22 -1.35 7.26 -3.64
CA LYS A 22 -1.84 8.62 -3.65
C LYS A 22 -0.68 9.58 -3.37
N LYS A 23 0.36 9.03 -2.77
CA LYS A 23 1.54 9.82 -2.43
C LYS A 23 2.58 9.67 -3.55
N TRP A 24 2.62 8.48 -4.13
CA TRP A 24 3.55 8.20 -5.20
C TRP A 24 3.13 9.01 -6.43
N GLY A 25 1.92 8.73 -6.90
CA GLY A 25 1.39 9.43 -8.06
C GLY A 25 1.89 8.80 -9.36
N TRP A 26 1.55 9.45 -10.46
CA TRP A 26 1.95 8.96 -11.77
C TRP A 26 1.59 7.48 -11.85
#